data_4AFM
#
_entry.id   4AFM
#
_cell.length_a   48.740
_cell.length_b   48.740
_cell.length_c   193.720
_cell.angle_alpha   90.00
_cell.angle_beta   90.00
_cell.angle_gamma   120.00
#
_symmetry.space_group_name_H-M   'P 61 2 2'
#
loop_
_entity.id
_entity.type
_entity.pdbx_description
1 polymer 'ENDOGLUCANASE CEL5A'
2 non-polymer GLYCEROL
3 non-polymer 'ACETATE ION'
4 water water
#
_entity_poly.entity_id   1
_entity_poly.type   'polypeptide(L)'
_entity_poly.pdbx_seq_one_letter_code
;ASGDIVLFSGSKHVEFTDWGGTDWPSAYELQPPYQT(MSE)PFDLNKNFEIKVDYSGADIVLIFARWEHGSKPQIWAQIS
PYYVVDGTAVFTKEQIAKAYGSDDFSDLDYIGVKPLPSADG(MSE)TVTKIVASYTSGSSDD
;
_entity_poly.pdbx_strand_id   A
#
# COMPACT_ATOMS: atom_id res chain seq x y z
N GLY A 3 -0.76 -9.06 -16.74
CA GLY A 3 -0.89 -7.65 -17.26
C GLY A 3 -0.88 -6.63 -16.12
N ASP A 4 -1.29 -5.41 -16.50
CA ASP A 4 -1.31 -4.20 -15.59
C ASP A 4 -2.73 -3.66 -15.36
N ILE A 5 -2.96 -3.46 -14.12
CA ILE A 5 -4.32 -3.07 -13.64
C ILE A 5 -4.14 -1.67 -13.07
N VAL A 6 -4.90 -0.74 -13.53
CA VAL A 6 -4.87 0.61 -12.97
C VAL A 6 -5.82 0.66 -11.79
N LEU A 7 -5.33 0.88 -10.60
CA LEU A 7 -6.15 1.05 -9.40
C LEU A 7 -6.57 2.45 -9.22
N PHE A 8 -5.85 3.40 -9.77
CA PHE A 8 -6.16 4.83 -9.69
C PHE A 8 -5.34 5.56 -10.72
N SER A 9 -5.90 6.55 -11.42
CA SER A 9 -5.08 7.52 -12.18
CA SER A 9 -5.02 7.52 -12.07
C SER A 9 -5.77 8.87 -12.04
N GLY A 10 -5.05 9.91 -11.76
CA GLY A 10 -5.63 11.26 -11.60
C GLY A 10 -4.64 12.08 -10.84
N SER A 11 -5.15 12.78 -9.82
CA SER A 11 -4.31 13.69 -9.02
C SER A 11 -4.87 13.71 -7.65
N LYS A 12 -4.48 12.81 -6.76
CA LYS A 12 -5.02 12.67 -5.41
C LYS A 12 -4.02 13.32 -4.44
N HIS A 13 -4.39 14.41 -3.78
CA HIS A 13 -3.53 15.09 -2.86
C HIS A 13 -3.85 14.74 -1.45
N VAL A 14 -2.89 14.53 -0.61
CA VAL A 14 -3.08 14.21 0.83
C VAL A 14 -2.26 15.19 1.63
N GLU A 15 -2.85 15.98 2.46
CA GLU A 15 -2.12 16.82 3.43
CA GLU A 15 -2.20 16.87 3.36
C GLU A 15 -1.88 16.16 4.71
N PHE A 16 -0.63 16.21 5.19
CA PHE A 16 -0.26 15.55 6.44
C PHE A 16 1.11 16.16 6.80
N THR A 17 1.02 17.13 7.71
CA THR A 17 2.24 17.94 8.01
C THR A 17 2.99 17.43 9.18
N ASP A 18 2.45 16.58 10.04
CA ASP A 18 3.20 16.12 11.20
C ASP A 18 2.42 14.96 11.78
N TRP A 19 3.11 14.20 12.63
CA TRP A 19 2.47 13.11 13.41
C TRP A 19 1.83 13.67 14.64
N GLY A 20 1.19 12.80 15.41
CA GLY A 20 0.89 13.15 16.80
C GLY A 20 -0.56 13.49 16.92
N GLY A 21 -1.13 13.90 15.79
CA GLY A 21 -2.56 13.81 15.62
C GLY A 21 -2.83 12.33 15.73
N THR A 22 -4.11 11.98 15.70
CA THR A 22 -4.55 10.62 15.91
C THR A 22 -4.70 9.92 14.58
N ASP A 23 -5.01 10.66 13.53
CA ASP A 23 -5.29 9.97 12.36
C ASP A 23 -4.15 10.14 11.40
N TRP A 24 -4.15 9.22 10.50
CA TRP A 24 -3.07 9.21 9.48
C TRP A 24 -3.78 9.05 8.15
N PRO A 25 -3.92 10.12 7.35
CA PRO A 25 -4.68 10.04 6.15
C PRO A 25 -4.02 9.24 5.07
N SER A 26 -4.79 8.84 4.08
CA SER A 26 -4.36 7.96 3.00
C SER A 26 -4.53 8.51 1.62
N ALA A 27 -3.78 8.07 0.66
CA ALA A 27 -4.04 8.32 -0.74
C ALA A 27 -4.95 7.30 -1.34
N TYR A 28 -4.97 6.05 -0.84
CA TYR A 28 -5.72 4.96 -1.44
C TYR A 28 -5.93 3.89 -0.38
N GLU A 29 -7.06 3.33 -0.25
CA GLU A 29 -7.33 2.27 0.72
C GLU A 29 -8.19 1.23 0.18
N LEU A 30 -8.02 0.01 0.57
CA LEU A 30 -8.94 -1.11 0.26
C LEU A 30 -9.16 -1.91 1.45
N GLN A 31 -10.31 -2.47 1.69
CA GLN A 31 -10.58 -3.39 2.82
CA GLN A 31 -10.57 -3.36 2.75
C GLN A 31 -11.10 -4.68 2.14
N PRO A 32 -10.23 -5.63 1.90
CA PRO A 32 -10.66 -6.86 1.17
C PRO A 32 -11.85 -7.56 1.72
N PRO A 33 -12.15 -7.62 2.98
CA PRO A 33 -13.36 -8.34 3.45
C PRO A 33 -14.58 -7.57 3.01
N TYR A 34 -14.53 -6.33 2.65
CA TYR A 34 -15.73 -5.52 2.40
C TYR A 34 -15.85 -5.01 0.99
N GLN A 35 -14.86 -5.02 0.13
CA GLN A 35 -14.85 -4.41 -1.25
CA GLN A 35 -15.11 -4.65 -1.22
C GLN A 35 -14.40 -5.53 -2.22
N THR A 36 -15.14 -5.78 -3.29
CA THR A 36 -14.65 -6.68 -4.36
C THR A 36 -13.28 -6.18 -4.80
N PRO A 38 -9.86 -5.37 -6.97
CA PRO A 38 -9.46 -5.03 -8.31
C PRO A 38 -8.33 -5.84 -8.84
N PHE A 39 -7.58 -6.57 -7.99
CA PHE A 39 -6.50 -7.43 -8.43
C PHE A 39 -6.53 -8.65 -7.52
N ASP A 40 -5.80 -9.67 -7.94
CA ASP A 40 -5.76 -10.96 -7.23
C ASP A 40 -4.44 -11.06 -6.44
N LEU A 41 -4.60 -10.95 -5.10
CA LEU A 41 -3.47 -11.05 -4.15
C LEU A 41 -2.71 -12.32 -4.24
N ASN A 42 -3.34 -13.39 -4.83
CA ASN A 42 -2.67 -14.70 -4.89
C ASN A 42 -1.67 -14.73 -6.03
N LYS A 43 -1.74 -13.88 -6.99
CA LYS A 43 -0.67 -13.86 -8.03
C LYS A 43 0.57 -13.22 -7.48
N ASN A 44 1.71 -13.41 -8.18
CA ASN A 44 2.87 -12.64 -7.83
C ASN A 44 2.66 -11.29 -8.42
N PHE A 45 2.71 -10.30 -7.62
CA PHE A 45 2.41 -8.94 -8.08
C PHE A 45 3.36 -7.92 -7.53
N GLU A 46 3.36 -6.76 -8.16
CA GLU A 46 4.04 -5.55 -7.72
CA GLU A 46 3.95 -5.57 -7.57
C GLU A 46 2.97 -4.47 -7.65
N ILE A 47 3.08 -3.55 -6.72
CA ILE A 47 2.25 -2.35 -6.78
CA ILE A 47 2.26 -2.34 -6.74
C ILE A 47 3.17 -1.17 -7.09
N LYS A 48 2.87 -0.37 -8.02
CA LYS A 48 3.70 0.76 -8.38
C LYS A 48 2.89 2.02 -8.22
N VAL A 49 3.47 3.06 -7.65
CA VAL A 49 2.74 4.31 -7.34
C VAL A 49 3.53 5.47 -7.92
N ASP A 50 2.96 6.28 -8.74
CA ASP A 50 3.58 7.53 -9.18
C ASP A 50 3.19 8.57 -8.19
N TYR A 51 4.15 9.25 -7.57
CA TYR A 51 3.88 10.16 -6.43
C TYR A 51 4.92 11.23 -6.38
N SER A 52 4.62 12.26 -5.63
CA SER A 52 5.64 13.27 -5.27
C SER A 52 5.20 13.95 -4.02
N GLY A 53 6.11 14.71 -3.35
CA GLY A 53 5.79 15.66 -2.34
C GLY A 53 6.07 15.19 -0.93
N ALA A 54 6.10 13.89 -0.70
CA ALA A 54 6.36 13.30 0.62
C ALA A 54 6.89 11.93 0.33
N ASP A 55 7.54 11.37 1.37
CA ASP A 55 7.84 9.94 1.30
C ASP A 55 6.59 9.10 1.49
N ILE A 56 6.60 7.90 0.96
CA ILE A 56 5.42 7.08 0.81
C ILE A 56 5.63 5.77 1.49
N VAL A 57 4.58 5.21 2.08
CA VAL A 57 4.57 3.82 2.59
C VAL A 57 3.33 3.10 2.11
N LEU A 58 3.43 1.78 2.11
CA LEU A 58 2.33 0.88 1.83
C LEU A 58 2.07 0.12 3.11
N ILE A 59 0.83 -0.04 3.52
CA ILE A 59 0.36 -0.72 4.77
CA ILE A 59 0.53 -0.88 4.65
C ILE A 59 -0.41 -1.95 4.34
N PHE A 60 -0.08 -3.15 4.78
CA PHE A 60 -0.99 -4.31 4.79
C PHE A 60 -1.31 -4.57 6.23
N ALA A 61 -2.56 -4.64 6.65
CA ALA A 61 -2.87 -4.81 8.08
C ALA A 61 -3.90 -5.86 8.27
N ARG A 62 -3.81 -6.51 9.44
CA ARG A 62 -4.84 -7.43 9.96
C ARG A 62 -5.19 -6.96 11.32
N TRP A 63 -6.47 -6.74 11.63
CA TRP A 63 -6.85 -6.30 13.01
C TRP A 63 -6.76 -7.52 13.90
N GLU A 64 -6.52 -7.17 15.16
CA GLU A 64 -6.51 -8.21 16.21
CA GLU A 64 -6.52 -8.21 16.21
C GLU A 64 -7.84 -8.98 16.19
N HIS A 65 -7.75 -10.25 16.29
CA HIS A 65 -9.00 -11.10 16.34
C HIS A 65 -8.62 -12.26 17.25
N GLY A 66 -9.35 -12.44 18.35
CA GLY A 66 -9.07 -13.63 19.19
C GLY A 66 -7.63 -13.50 19.74
N SER A 67 -6.86 -14.61 19.66
CA SER A 67 -5.49 -14.62 20.15
CA SER A 67 -5.49 -14.65 20.14
C SER A 67 -4.50 -14.32 19.03
N LYS A 68 -5.01 -13.83 17.88
CA LYS A 68 -4.10 -13.52 16.81
C LYS A 68 -3.90 -12.00 16.83
N PRO A 69 -2.65 -11.55 16.82
CA PRO A 69 -2.36 -10.19 16.98
C PRO A 69 -2.67 -9.28 15.76
N GLN A 70 -2.77 -8.05 16.02
CA GLN A 70 -2.77 -7.08 14.93
C GLN A 70 -1.49 -7.13 14.17
N ILE A 71 -1.54 -7.22 12.85
CA ILE A 71 -0.37 -7.06 11.99
C ILE A 71 -0.43 -5.69 11.40
N TRP A 72 0.58 -4.86 11.53
CA TRP A 72 0.66 -3.57 10.83
C TRP A 72 1.91 -3.59 9.98
N ALA A 73 1.82 -4.08 8.79
CA ALA A 73 3.01 -4.38 7.85
C ALA A 73 3.25 -3.01 7.14
N GLN A 74 3.89 -2.08 7.68
CA GLN A 74 4.23 -0.80 7.09
C GLN A 74 5.52 -1.01 6.30
N ILE A 75 5.50 -0.78 5.02
CA ILE A 75 6.69 -0.99 4.23
C ILE A 75 7.00 0.21 3.42
N SER A 76 8.32 0.43 3.42
CA SER A 76 8.95 1.36 2.53
CA SER A 76 8.89 1.42 2.48
C SER A 76 8.99 0.76 1.12
N PRO A 77 9.18 1.60 0.06
CA PRO A 77 9.32 0.99 -1.29
C PRO A 77 10.45 -0.01 -1.35
N TYR A 78 10.24 -1.05 -2.09
CA TYR A 78 11.37 -1.92 -2.44
C TYR A 78 12.41 -1.04 -3.10
N TYR A 79 12.05 -0.17 -4.02
CA TYR A 79 12.89 0.91 -4.50
C TYR A 79 12.00 1.96 -5.08
N VAL A 80 12.59 3.12 -5.25
CA VAL A 80 12.01 4.25 -5.98
CA VAL A 80 12.00 4.23 -6.02
C VAL A 80 12.87 4.47 -7.23
N VAL A 81 12.27 4.87 -8.32
CA VAL A 81 12.97 5.27 -9.56
C VAL A 81 12.16 6.37 -10.14
N ASP A 82 12.83 7.48 -10.40
N ASP A 82 12.61 7.52 -10.71
CA ASP A 82 12.16 8.73 -10.76
CA ASP A 82 11.67 8.45 -11.66
C ASP A 82 11.21 9.06 -9.60
C ASP A 82 10.12 8.86 -11.32
N GLY A 83 10.05 9.14 -10.10
CA GLY A 83 8.81 9.53 -9.39
C GLY A 83 7.96 8.31 -9.11
N THR A 84 8.42 7.12 -9.06
CA THR A 84 7.62 5.92 -8.91
C THR A 84 8.14 5.05 -7.81
N ALA A 85 7.34 4.67 -6.86
CA ALA A 85 7.69 3.68 -5.82
C ALA A 85 7.23 2.31 -6.23
N VAL A 86 8.04 1.31 -6.04
CA VAL A 86 7.69 -0.08 -6.38
C VAL A 86 7.66 -0.85 -5.13
N PHE A 87 6.57 -1.62 -4.87
CA PHE A 87 6.43 -2.50 -3.73
C PHE A 87 6.21 -3.91 -4.28
N THR A 88 6.86 -4.91 -3.78
CA THR A 88 6.66 -6.27 -4.31
C THR A 88 5.96 -7.16 -3.35
N LYS A 89 5.28 -8.19 -3.92
CA LYS A 89 4.61 -9.09 -3.05
C LYS A 89 5.58 -9.78 -2.08
N GLU A 90 6.76 -10.15 -2.55
CA GLU A 90 7.80 -10.75 -1.68
CA GLU A 90 7.59 -10.90 -1.60
C GLU A 90 8.03 -9.89 -0.47
N GLN A 91 8.28 -8.65 -0.72
CA GLN A 91 8.58 -7.73 0.37
C GLN A 91 7.41 -7.58 1.33
N ILE A 92 6.20 -7.46 0.75
CA ILE A 92 4.98 -7.32 1.56
C ILE A 92 4.83 -8.57 2.41
N ALA A 93 4.96 -9.76 1.85
CA ALA A 93 4.78 -10.99 2.62
C ALA A 93 5.79 -11.07 3.79
N LYS A 94 6.99 -10.61 3.55
CA LYS A 94 8.02 -10.62 4.61
CA LYS A 94 7.97 -10.68 4.65
C LYS A 94 7.50 -9.77 5.79
N ALA A 95 7.00 -8.59 5.46
CA ALA A 95 6.49 -7.67 6.51
C ALA A 95 5.23 -8.16 7.13
N TYR A 96 4.35 -8.82 6.36
CA TYR A 96 3.10 -9.34 6.85
C TYR A 96 3.28 -10.59 7.67
N GLY A 97 4.45 -11.30 7.54
CA GLY A 97 4.71 -12.51 8.28
C GLY A 97 4.38 -13.69 7.49
N SER A 98 3.76 -13.62 6.33
CA SER A 98 3.48 -14.77 5.44
C SER A 98 2.91 -14.20 4.17
N ASP A 99 2.77 -15.09 3.20
CA ASP A 99 2.09 -14.69 1.97
C ASP A 99 0.67 -15.27 2.01
N ASP A 100 0.11 -15.55 3.13
CA ASP A 100 -1.24 -16.01 3.22
C ASP A 100 -2.08 -14.73 3.54
N PHE A 101 -2.79 -14.22 2.52
CA PHE A 101 -3.65 -13.01 2.69
C PHE A 101 -5.05 -13.35 2.97
N SER A 102 -5.37 -14.58 3.46
CA SER A 102 -6.74 -14.98 3.69
C SER A 102 -7.38 -14.23 4.85
N ASP A 103 -6.55 -13.54 5.68
CA ASP A 103 -7.09 -12.76 6.84
C ASP A 103 -6.73 -11.30 6.67
N LEU A 104 -6.41 -10.81 5.50
CA LEU A 104 -6.00 -9.42 5.30
C LEU A 104 -7.14 -8.45 5.44
N ASP A 105 -7.08 -7.49 6.33
CA ASP A 105 -8.21 -6.54 6.54
C ASP A 105 -8.04 -5.24 5.82
N TYR A 106 -6.84 -4.81 5.46
CA TYR A 106 -6.65 -3.44 5.04
C TYR A 106 -5.41 -3.32 4.20
N ILE A 107 -5.50 -2.55 3.13
CA ILE A 107 -4.37 -2.13 2.35
C ILE A 107 -4.45 -0.64 2.26
N GLY A 108 -3.39 0.10 2.58
CA GLY A 108 -3.42 1.56 2.50
C GLY A 108 -2.13 2.10 1.94
N VAL A 109 -2.19 3.17 1.18
CA VAL A 109 -1.01 3.91 0.70
C VAL A 109 -1.06 5.21 1.46
N LYS A 110 0.01 5.58 2.15
CA LYS A 110 -0.04 6.74 3.05
C LYS A 110 1.25 7.55 2.89
N PRO A 111 1.18 8.86 3.15
CA PRO A 111 2.38 9.71 3.19
C PRO A 111 2.99 9.72 4.55
N LEU A 112 4.30 10.04 4.53
CA LEU A 112 4.98 10.53 5.74
C LEU A 112 4.79 12.05 5.79
N PRO A 113 5.06 12.66 6.94
CA PRO A 113 4.82 14.13 7.05
C PRO A 113 5.67 14.89 6.08
N SER A 114 5.04 15.98 5.59
CA SER A 114 5.71 16.94 4.67
C SER A 114 5.02 18.27 4.74
N ALA A 115 5.75 19.28 4.26
CA ALA A 115 5.16 20.63 4.26
C ALA A 115 4.11 20.84 3.16
N ASP A 116 4.33 20.16 2.03
CA ASP A 116 3.54 20.39 0.84
C ASP A 116 2.41 19.39 0.62
N GLY A 117 2.46 18.26 1.28
CA GLY A 117 1.51 17.16 1.06
C GLY A 117 2.00 16.31 -0.04
N THR A 119 1.10 14.01 -3.46
CA THR A 119 0.17 13.84 -4.56
C THR A 119 0.49 12.51 -5.25
N VAL A 120 -0.50 11.66 -5.40
CA VAL A 120 -0.41 10.45 -6.16
C VAL A 120 -1.10 10.65 -7.48
N THR A 121 -0.48 10.30 -8.57
CA THR A 121 -1.08 10.41 -9.89
C THR A 121 -1.46 9.08 -10.51
N LYS A 122 -0.87 7.96 -10.04
CA LYS A 122 -1.21 6.66 -10.62
C LYS A 122 -0.85 5.56 -9.65
N ILE A 123 -1.68 4.55 -9.56
CA ILE A 123 -1.39 3.32 -8.79
C ILE A 123 -1.72 2.18 -9.69
N VAL A 124 -0.76 1.30 -9.89
CA VAL A 124 -0.85 0.12 -10.81
CA VAL A 124 -0.99 0.09 -10.75
C VAL A 124 -0.57 -1.14 -10.03
N ALA A 125 -1.32 -2.20 -10.19
CA ALA A 125 -0.92 -3.57 -9.80
C ALA A 125 -0.48 -4.27 -11.05
N SER A 126 0.67 -4.89 -11.04
CA SER A 126 1.00 -5.71 -12.19
CA SER A 126 1.20 -5.62 -12.18
CA SER A 126 1.24 -5.62 -12.19
C SER A 126 1.44 -7.06 -11.73
N TYR A 127 1.14 -8.03 -12.51
CA TYR A 127 1.51 -9.40 -12.19
C TYR A 127 2.82 -9.78 -12.82
N THR A 128 3.65 -10.42 -12.07
CA THR A 128 5.02 -10.80 -12.42
C THR A 128 5.12 -12.33 -12.49
N SER A 129 4.14 -13.03 -11.92
CA SER A 129 3.56 -14.29 -12.48
C SER A 129 2.60 -13.99 -13.66
#